data_1MXT
#
_entry.id   1MXT
#
_cell.length_a   51.227
_cell.length_b   72.902
_cell.length_c   62.947
_cell.angle_alpha   90.00
_cell.angle_beta   105.10
_cell.angle_gamma   90.00
#
_symmetry.space_group_name_H-M   'P 1 21 1'
#
loop_
_entity.id
_entity.type
_entity.pdbx_description
1 polymer 'CHOLESTEROL OXIDASE'
2 non-polymer 'SULFATE ION'
3 non-polymer 'FLAVIN-N7 PROTONATED-ADENINE DINUCLEOTIDE'
4 non-polymer 'OXYGEN MOLECULE'
5 water water
#
_entity_poly.entity_id   1
_entity_poly.type   'polypeptide(L)'
_entity_poly.pdbx_seq_one_letter_code
;DNGGYVPAVVIGTGYGAAVSALRLGEAGVQTLMLEMGQLWNQPGPDGNIFCGMLNPDKRSSWFKNRTEAPLGSFLWLDVV
NRNIDPYAGVLDRVNYDQMSVYVGRGVGGGSLVNGGMAVEPKRSYFEEILPRVDSSEMYDRYFPRANSMLRVNHIDTKWF
EDTEWYKFARVSREQAGKAGLGTVFVPNVYDFGYMQREAAGEVPKSALATEVIYGNNHGKQSLDKTYLAAALGTGKVTIQ
TLHQVKTIRQTKDGGYALTVEQKDTDGKLLATKEISCRYLFLGAGSLGSTELLVRARDTGTLPNLNSEVGAGWGPNGNIM
TARANHMWNPTGAHQSSIPALGIDAWDNSDSSVFAEIAPMPAGLETWVSLYLAITKNPQRGTFVYDAATDRAKLNWTRDQ
NAPAVNAAKALFDRINKANGTIYRYDLFGTQLKAFADDFCYHPLGGCVLGKATDDYGRVAGYKNLYVTDGSLIPGSVGVN
PFVTITALAERNVERIIKQDVTAS
;
_entity_poly.pdbx_strand_id   A
#
loop_
_chem_comp.id
_chem_comp.type
_chem_comp.name
_chem_comp.formula
FAE non-polymer 'FLAVIN-N7 PROTONATED-ADENINE DINUCLEOTIDE' 'C27 H34 N9 O15 P2 1'
OXY non-polymer 'OXYGEN MOLECULE' O2
SO4 non-polymer 'SULFATE ION' 'O4 S -2'
#
# COMPACT_ATOMS: atom_id res chain seq x y z
N GLY A 4 -19.03 22.94 6.37
CA GLY A 4 -18.88 23.64 7.62
C GLY A 4 -17.52 23.42 8.32
N TYR A 5 -17.50 23.65 9.61
N TYR A 5 -17.43 23.81 9.57
CA TYR A 5 -16.45 23.54 10.57
CA TYR A 5 -16.29 23.66 10.44
C TYR A 5 -16.44 22.28 11.41
C TYR A 5 -16.38 22.34 11.19
N VAL A 6 -15.29 21.66 11.43
CA VAL A 6 -15.09 20.51 12.31
C VAL A 6 -13.70 20.66 12.93
N PRO A 7 -13.51 20.36 14.24
CA PRO A 7 -12.18 20.60 14.84
C PRO A 7 -11.02 20.01 14.09
N ALA A 8 -11.12 18.69 13.81
CA ALA A 8 -10.06 18.04 13.03
C ALA A 8 -10.66 17.41 11.78
N VAL A 9 -9.90 17.54 10.69
CA VAL A 9 -10.21 16.83 9.47
C VAL A 9 -9.02 15.92 9.16
N VAL A 10 -9.35 14.69 8.78
CA VAL A 10 -8.35 13.74 8.27
C VAL A 10 -8.72 13.45 6.82
N ILE A 11 -7.77 13.65 5.91
CA ILE A 11 -7.96 13.36 4.49
C ILE A 11 -7.51 11.93 4.22
N GLY A 12 -8.42 11.11 3.72
CA GLY A 12 -8.13 9.71 3.47
C GLY A 12 -8.49 8.85 4.68
N THR A 13 -8.45 7.52 4.42
CA THR A 13 -8.80 6.52 5.43
C THR A 13 -7.90 5.27 5.35
N GLY A 14 -6.64 5.47 4.89
CA GLY A 14 -5.65 4.42 4.98
C GLY A 14 -4.99 4.35 6.32
N TYR A 15 -3.78 3.77 6.36
CA TYR A 15 -3.13 3.47 7.64
C TYR A 15 -2.83 4.72 8.44
N GLY A 16 -2.16 5.72 7.83
CA GLY A 16 -1.84 6.91 8.60
C GLY A 16 -3.10 7.63 9.11
N ALA A 17 -4.07 7.73 8.22
CA ALA A 17 -5.33 8.38 8.57
C ALA A 17 -6.07 7.67 9.69
N ALA A 18 -6.15 6.34 9.60
CA ALA A 18 -6.94 5.56 10.55
C ALA A 18 -6.36 5.61 11.95
N VAL A 19 -5.02 5.50 12.03
CA VAL A 19 -4.37 5.63 13.34
C VAL A 19 -4.67 7.01 13.92
N SER A 20 -4.51 8.05 13.09
CA SER A 20 -4.67 9.43 13.54
C SER A 20 -6.06 9.65 14.07
N ALA A 21 -7.06 9.24 13.28
CA ALA A 21 -8.44 9.45 13.69
C ALA A 21 -8.80 8.71 14.96
N LEU A 22 -8.33 7.50 15.14
CA LEU A 22 -8.63 6.77 16.38
C LEU A 22 -8.13 7.57 17.58
N ARG A 23 -6.86 7.99 17.51
CA ARG A 23 -6.27 8.63 18.70
C ARG A 23 -6.88 10.00 18.90
N LEU A 24 -7.21 10.73 17.85
CA LEU A 24 -7.91 12.00 17.99
C LEU A 24 -9.24 11.79 18.68
N GLY A 25 -10.02 10.79 18.22
CA GLY A 25 -11.29 10.56 18.82
C GLY A 25 -11.18 10.15 20.29
N GLU A 26 -10.21 9.34 20.64
CA GLU A 26 -9.98 8.95 22.02
C GLU A 26 -9.58 10.16 22.88
N ALA A 27 -8.96 11.18 22.30
CA ALA A 27 -8.59 12.41 22.96
C ALA A 27 -9.75 13.38 23.03
N GLY A 28 -10.93 13.03 22.49
CA GLY A 28 -12.08 13.88 22.56
C GLY A 28 -12.18 14.93 21.46
N VAL A 29 -11.38 14.79 20.40
CA VAL A 29 -11.39 15.76 19.33
C VAL A 29 -12.36 15.29 18.22
N GLN A 30 -13.43 16.04 18.02
CA GLN A 30 -14.37 15.72 16.96
C GLN A 30 -13.65 15.81 15.60
N THR A 31 -13.74 14.69 14.86
CA THR A 31 -12.92 14.47 13.68
C THR A 31 -13.78 13.99 12.55
N LEU A 32 -13.59 14.60 11.39
CA LEU A 32 -14.23 14.19 10.13
C LEU A 32 -13.18 13.64 9.18
N MET A 33 -13.38 12.40 8.73
CA MET A 33 -12.52 11.82 7.73
C MET A 33 -13.23 11.95 6.37
N LEU A 34 -12.45 12.40 5.36
CA LEU A 34 -12.94 12.57 4.01
C LEU A 34 -12.26 11.55 3.09
N GLU A 35 -13.05 10.63 2.55
CA GLU A 35 -12.53 9.56 1.72
C GLU A 35 -13.13 9.67 0.33
N MET A 36 -12.23 9.68 -0.69
CA MET A 36 -12.74 9.83 -2.08
C MET A 36 -13.40 8.58 -2.62
N GLY A 37 -13.05 7.41 -2.10
CA GLY A 37 -13.66 6.16 -2.53
C GLY A 37 -14.89 5.82 -1.69
N GLN A 38 -15.38 4.58 -1.89
CA GLN A 38 -16.59 4.11 -1.26
C GLN A 38 -16.33 3.45 0.08
N LEU A 39 -17.38 3.39 0.91
CA LEU A 39 -17.51 2.45 2.02
C LEU A 39 -17.93 1.11 1.39
N TRP A 40 -17.09 0.09 1.50
CA TRP A 40 -17.32 -1.17 0.79
C TRP A 40 -18.12 -2.10 1.68
N ASN A 41 -19.45 -1.97 1.57
CA ASN A 41 -20.34 -2.78 2.39
C ASN A 41 -21.64 -3.16 1.69
N GLN A 42 -21.77 -2.97 0.39
CA GLN A 42 -22.98 -3.32 -0.31
C GLN A 42 -22.84 -4.51 -1.19
C GLN A 42 -22.73 -4.50 -1.24
N PRO A 43 -23.62 -5.53 -0.90
N PRO A 43 -23.67 -5.43 -1.46
CA PRO A 43 -23.51 -6.72 -1.80
CA PRO A 43 -23.43 -6.55 -2.41
C PRO A 43 -23.78 -6.31 -3.22
C PRO A 43 -23.44 -6.10 -3.85
N GLY A 44 -22.95 -6.81 -4.14
N GLY A 44 -22.54 -6.56 -4.68
CA GLY A 44 -23.05 -6.45 -5.53
CA GLY A 44 -22.53 -6.44 -6.12
C GLY A 44 -23.89 -7.50 -6.28
C GLY A 44 -23.37 -7.50 -6.80
N PRO A 45 -23.79 -7.49 -7.59
N PRO A 45 -23.26 -7.58 -8.11
CA PRO A 45 -24.64 -8.37 -8.43
CA PRO A 45 -24.13 -8.42 -8.96
C PRO A 45 -24.41 -9.89 -8.22
C PRO A 45 -24.17 -9.91 -8.59
N ASP A 46 -23.24 -10.32 -7.76
CA ASP A 46 -22.94 -11.68 -7.41
C ASP A 46 -23.21 -11.96 -5.93
N GLY A 47 -23.79 -11.00 -5.25
CA GLY A 47 -24.07 -11.16 -3.81
C GLY A 47 -22.86 -10.89 -2.94
N ASN A 48 -21.70 -10.61 -3.49
CA ASN A 48 -20.51 -10.30 -2.72
C ASN A 48 -20.17 -8.83 -2.81
N ILE A 49 -19.47 -8.30 -1.82
CA ILE A 49 -19.04 -6.91 -1.86
C ILE A 49 -17.99 -6.69 -2.95
N PHE A 50 -17.00 -7.58 -2.99
CA PHE A 50 -15.85 -7.44 -3.89
C PHE A 50 -15.87 -8.51 -4.98
N CYS A 51 -15.35 -8.17 -6.16
CA CYS A 51 -15.21 -9.36 -7.02
CA CYS A 51 -15.10 -9.16 -7.21
C CYS A 51 -13.87 -10.02 -6.71
C CYS A 51 -13.82 -9.90 -6.93
N GLY A 52 -13.80 -11.18 -7.34
CA GLY A 52 -12.55 -11.96 -7.31
C GLY A 52 -11.69 -11.73 -8.53
N MET A 53 -10.52 -12.35 -8.50
CA MET A 53 -9.56 -12.14 -9.58
C MET A 53 -9.94 -12.91 -10.84
N LEU A 54 -10.77 -13.94 -10.74
CA LEU A 54 -11.26 -14.69 -11.89
CA LEU A 54 -11.21 -14.65 -11.95
C LEU A 54 -12.55 -14.15 -12.44
N ASN A 55 -13.19 -13.21 -11.72
CA ASN A 55 -14.45 -12.63 -12.22
C ASN A 55 -14.43 -11.10 -12.05
N PRO A 56 -13.37 -10.44 -12.58
CA PRO A 56 -13.32 -8.99 -12.38
C PRO A 56 -14.49 -8.30 -13.07
N ASP A 57 -14.98 -7.23 -12.45
CA ASP A 57 -16.00 -6.38 -13.06
C ASP A 57 -15.69 -4.95 -12.68
N LYS A 58 -16.64 -4.03 -12.81
CA LYS A 58 -16.32 -2.63 -12.57
C LYS A 58 -15.86 -2.36 -11.13
N ARG A 59 -16.21 -3.22 -10.19
CA ARG A 59 -15.78 -3.07 -8.80
C ARG A 59 -14.25 -3.22 -8.67
N SER A 60 -13.61 -3.80 -9.66
CA SER A 60 -12.17 -4.05 -9.60
C SER A 60 -11.36 -2.81 -9.78
N SER A 61 -11.90 -1.75 -10.38
CA SER A 61 -11.10 -0.73 -10.98
C SER A 61 -11.62 0.67 -10.73
N TRP A 62 -10.72 1.58 -10.35
CA TRP A 62 -11.08 2.99 -10.18
C TRP A 62 -11.05 3.66 -11.56
N PHE A 63 -12.23 3.91 -12.10
CA PHE A 63 -12.45 4.66 -13.32
C PHE A 63 -11.57 4.22 -14.48
N LYS A 64 -11.68 2.96 -14.84
CA LYS A 64 -11.10 2.40 -16.04
C LYS A 64 -12.21 1.83 -16.86
N ASN A 65 -11.94 1.64 -18.17
CA ASN A 65 -12.95 1.13 -19.10
C ASN A 65 -12.73 -0.35 -19.49
N ARG A 66 -11.76 -0.99 -18.86
CA ARG A 66 -11.52 -2.40 -19.09
C ARG A 66 -10.82 -2.93 -17.86
N THR A 67 -11.16 -4.14 -17.43
CA THR A 67 -10.44 -4.80 -16.33
C THR A 67 -9.02 -5.18 -16.82
N GLU A 68 -8.16 -5.39 -15.84
CA GLU A 68 -6.77 -5.80 -16.09
C GLU A 68 -6.42 -7.03 -15.28
N ALA A 69 -5.53 -7.88 -15.83
CA ALA A 69 -5.06 -9.03 -15.09
C ALA A 69 -4.11 -8.61 -13.98
N PRO A 70 -4.10 -9.30 -12.85
CA PRO A 70 -3.07 -9.09 -11.85
C PRO A 70 -1.69 -9.26 -12.47
N LEU A 71 -0.76 -8.38 -12.07
CA LEU A 71 0.61 -8.44 -12.62
C LEU A 71 1.21 -9.79 -12.40
N GLY A 72 1.75 -10.35 -13.50
CA GLY A 72 2.31 -11.70 -13.51
C GLY A 72 1.39 -12.72 -14.16
N SER A 73 0.07 -12.39 -14.24
CA SER A 73 -0.91 -13.40 -14.62
C SER A 73 -1.64 -13.12 -15.90
N PHE A 74 -1.26 -12.12 -16.66
CA PHE A 74 -1.89 -11.84 -17.97
C PHE A 74 -2.00 -13.08 -18.84
N LEU A 75 -1.02 -13.95 -18.89
CA LEU A 75 -1.08 -15.07 -19.81
C LEU A 75 -2.25 -15.99 -19.51
N TRP A 76 -2.74 -16.03 -18.27
CA TRP A 76 -3.84 -16.92 -17.87
C TRP A 76 -5.12 -16.18 -17.58
N LEU A 77 -5.06 -14.92 -17.15
CA LEU A 77 -6.23 -14.17 -16.73
C LEU A 77 -6.66 -13.13 -17.70
N ASP A 78 -5.96 -12.87 -18.80
CA ASP A 78 -6.55 -11.93 -19.79
C ASP A 78 -7.85 -12.51 -20.33
N VAL A 79 -8.04 -13.84 -20.35
CA VAL A 79 -9.27 -14.44 -20.89
C VAL A 79 -10.49 -14.01 -20.11
N VAL A 80 -10.36 -13.59 -18.89
CA VAL A 80 -11.49 -13.16 -18.07
C VAL A 80 -11.67 -11.64 -18.13
N ASN A 81 -10.81 -10.89 -18.77
CA ASN A 81 -10.95 -9.45 -18.83
C ASN A 81 -12.15 -9.02 -19.65
N ARG A 82 -12.77 -7.94 -19.26
CA ARG A 82 -13.95 -7.43 -19.95
C ARG A 82 -14.00 -5.91 -19.91
N ASN A 83 -14.68 -5.36 -20.89
CA ASN A 83 -15.02 -3.93 -20.83
C ASN A 83 -15.93 -3.68 -19.69
N ILE A 84 -15.74 -2.49 -19.05
CA ILE A 84 -16.51 -2.10 -17.87
C ILE A 84 -16.81 -0.62 -17.99
N ASP A 85 -17.89 -0.22 -17.32
CA ASP A 85 -18.16 1.20 -17.11
C ASP A 85 -17.18 1.80 -16.13
N PRO A 86 -16.67 3.00 -16.38
CA PRO A 86 -15.86 3.66 -15.36
C PRO A 86 -16.68 3.85 -14.11
N TYR A 87 -16.12 3.44 -12.98
CA TYR A 87 -16.83 3.32 -11.73
C TYR A 87 -15.88 3.55 -10.59
N ALA A 88 -16.39 3.87 -9.41
CA ALA A 88 -15.58 4.06 -8.20
C ALA A 88 -15.15 2.70 -7.58
N GLY A 89 -14.43 1.89 -8.38
CA GLY A 89 -13.96 0.61 -7.92
C GLY A 89 -12.75 0.71 -6.99
N VAL A 90 -12.24 -0.46 -6.56
CA VAL A 90 -11.43 -0.47 -5.35
C VAL A 90 -9.94 -0.30 -5.59
N LEU A 91 -9.44 -0.70 -6.76
CA LEU A 91 -8.02 -0.69 -7.07
C LEU A 91 -7.76 0.32 -8.18
N ASP A 92 -6.84 1.24 -7.94
CA ASP A 92 -6.48 2.28 -8.88
C ASP A 92 -5.05 2.10 -9.34
N ARG A 93 -4.87 1.77 -10.60
CA ARG A 93 -3.57 1.84 -11.26
C ARG A 93 -3.38 3.27 -11.75
N VAL A 94 -2.47 3.98 -11.12
CA VAL A 94 -2.18 5.38 -11.42
C VAL A 94 -0.99 5.41 -12.34
N ASN A 95 -1.20 5.85 -13.58
CA ASN A 95 -0.14 5.82 -14.58
C ASN A 95 0.59 7.14 -14.67
N TYR A 96 1.86 7.11 -14.37
CA TYR A 96 2.80 8.21 -14.62
C TYR A 96 3.64 7.87 -15.82
N ASP A 97 4.55 8.74 -16.23
CA ASP A 97 5.19 8.58 -17.52
CA ASP A 97 5.29 8.62 -17.46
C ASP A 97 5.93 7.26 -17.62
N GLN A 98 6.67 6.85 -16.58
CA GLN A 98 7.43 5.59 -16.63
C GLN A 98 7.30 4.77 -15.38
N MET A 99 6.11 4.87 -14.74
CA MET A 99 5.85 4.16 -13.51
C MET A 99 4.32 4.10 -13.33
N SER A 100 3.82 2.93 -12.96
CA SER A 100 2.43 2.72 -12.63
C SER A 100 2.36 2.35 -11.14
N VAL A 101 1.66 3.18 -10.37
CA VAL A 101 1.54 2.98 -8.93
C VAL A 101 0.14 2.48 -8.64
N TYR A 102 0.02 1.38 -7.92
CA TYR A 102 -1.26 0.79 -7.57
C TYR A 102 -1.61 1.19 -6.18
N VAL A 103 -2.87 1.69 -5.98
CA VAL A 103 -3.32 2.14 -4.68
C VAL A 103 -4.79 1.71 -4.50
N GLY A 104 -5.16 1.56 -3.23
CA GLY A 104 -6.58 1.32 -2.89
C GLY A 104 -7.36 2.61 -2.86
N ARG A 105 -8.66 2.48 -3.16
CA ARG A 105 -9.62 3.58 -3.11
C ARG A 105 -10.84 3.14 -2.36
N GLY A 106 -11.04 3.63 -1.16
CA GLY A 106 -12.18 3.25 -0.36
C GLY A 106 -11.90 3.47 1.11
N VAL A 107 -12.90 3.21 1.95
CA VAL A 107 -12.75 3.33 3.38
C VAL A 107 -11.85 2.19 3.84
N GLY A 108 -10.62 2.58 4.24
CA GLY A 108 -9.54 1.62 4.52
C GLY A 108 -8.38 1.71 3.57
N GLY A 109 -8.48 2.45 2.48
CA GLY A 109 -7.34 2.62 1.59
C GLY A 109 -6.78 1.31 1.11
N GLY A 110 -5.44 1.27 1.07
CA GLY A 110 -4.74 0.10 0.57
C GLY A 110 -4.96 -1.14 1.36
N SER A 111 -5.45 -1.00 2.62
CA SER A 111 -5.76 -2.19 3.43
C SER A 111 -6.86 -3.03 2.79
N LEU A 112 -7.67 -2.43 1.89
CA LEU A 112 -8.71 -3.20 1.22
C LEU A 112 -8.11 -4.18 0.20
N VAL A 113 -7.04 -3.79 -0.49
CA VAL A 113 -6.52 -4.47 -1.66
C VAL A 113 -5.20 -5.18 -1.43
N ASN A 114 -4.58 -4.95 -0.27
CA ASN A 114 -3.21 -5.47 -0.09
C ASN A 114 -3.21 -6.91 0.35
N GLY A 115 -2.00 -7.47 0.34
CA GLY A 115 -1.82 -8.89 0.70
C GLY A 115 -1.79 -9.19 2.17
N GLY A 116 -2.04 -8.18 3.02
CA GLY A 116 -2.13 -8.36 4.43
C GLY A 116 -0.80 -8.56 5.16
N MET A 117 0.32 -8.54 4.45
CA MET A 117 1.60 -8.93 5.02
C MET A 117 2.07 -7.85 5.99
N ALA A 118 2.26 -8.24 7.26
CA ALA A 118 2.49 -7.32 8.35
C ALA A 118 3.89 -7.59 8.88
N VAL A 119 4.84 -6.76 8.48
CA VAL A 119 6.25 -7.10 8.74
CA VAL A 119 6.28 -7.05 8.64
C VAL A 119 6.95 -5.86 9.30
N GLU A 120 7.65 -6.06 10.39
CA GLU A 120 8.43 -4.99 10.99
C GLU A 120 9.76 -4.86 10.23
N PRO A 121 10.21 -3.65 10.00
CA PRO A 121 11.52 -3.47 9.37
C PRO A 121 12.60 -3.90 10.36
N LYS A 122 13.76 -4.21 9.76
CA LYS A 122 14.96 -4.51 10.55
C LYS A 122 15.35 -3.24 11.28
N ARG A 123 15.63 -3.34 12.57
CA ARG A 123 15.92 -2.14 13.33
C ARG A 123 17.15 -1.41 12.80
N SER A 124 18.19 -2.15 12.44
CA SER A 124 19.36 -1.44 11.91
C SER A 124 19.06 -0.71 10.66
N TYR A 125 18.14 -1.19 9.83
CA TYR A 125 17.75 -0.47 8.61
C TYR A 125 16.87 0.75 8.95
N PHE A 126 15.95 0.60 9.89
CA PHE A 126 15.15 1.72 10.36
C PHE A 126 16.08 2.85 10.80
N GLU A 127 17.09 2.49 11.60
CA GLU A 127 18.05 3.49 12.11
C GLU A 127 18.82 4.16 10.99
N GLU A 128 19.11 3.45 9.89
CA GLU A 128 19.78 4.00 8.72
C GLU A 128 18.89 5.00 8.01
N ILE A 129 17.62 4.61 7.77
CA ILE A 129 16.73 5.45 6.94
C ILE A 129 16.18 6.66 7.70
N LEU A 130 16.03 6.59 9.02
CA LEU A 130 15.42 7.65 9.82
C LEU A 130 16.27 7.92 11.06
N PRO A 131 17.49 8.42 10.87
CA PRO A 131 18.39 8.59 11.98
C PRO A 131 17.94 9.64 13.01
N ARG A 132 17.02 10.50 12.66
CA ARG A 132 16.56 11.50 13.62
C ARG A 132 15.49 11.00 14.54
N VAL A 133 14.94 9.79 14.33
CA VAL A 133 13.86 9.22 15.10
C VAL A 133 14.40 8.32 16.18
N ASP A 134 13.91 8.39 17.38
CA ASP A 134 14.35 7.54 18.49
C ASP A 134 13.84 6.13 18.22
N SER A 135 14.77 5.20 17.89
CA SER A 135 14.41 3.87 17.50
C SER A 135 13.94 3.05 18.73
N SER A 136 14.40 3.41 19.93
CA SER A 136 13.94 2.60 21.08
C SER A 136 12.46 2.76 21.32
N GLU A 137 11.91 3.98 21.22
CA GLU A 137 10.47 4.12 21.43
CA GLU A 137 10.47 4.07 21.45
C GLU A 137 9.71 3.37 20.33
N MET A 138 10.24 3.37 19.10
CA MET A 138 9.60 2.65 18.03
C MET A 138 9.49 1.14 18.35
N TYR A 139 10.62 0.53 18.70
CA TYR A 139 10.65 -0.91 18.92
C TYR A 139 10.03 -1.27 20.26
N ASP A 140 10.15 -0.44 21.28
CA ASP A 140 9.65 -0.76 22.60
C ASP A 140 8.15 -0.52 22.73
N ARG A 141 7.65 0.49 22.02
CA ARG A 141 6.26 0.96 22.24
C ARG A 141 5.43 0.89 20.97
N TYR A 142 5.86 1.54 19.91
CA TYR A 142 4.95 1.78 18.78
C TYR A 142 4.78 0.58 17.85
N PHE A 143 5.84 -0.14 17.56
CA PHE A 143 5.69 -1.39 16.78
C PHE A 143 4.81 -2.36 17.50
N PRO A 144 4.96 -2.62 18.79
CA PRO A 144 4.02 -3.52 19.49
C PRO A 144 2.59 -3.06 19.45
N ARG A 145 2.39 -1.75 19.63
CA ARG A 145 1.05 -1.20 19.62
C ARG A 145 0.41 -1.46 18.26
N ALA A 146 1.13 -1.16 17.18
CA ALA A 146 0.63 -1.41 15.82
C ALA A 146 0.29 -2.87 15.62
N ASN A 147 1.17 -3.76 16.07
CA ASN A 147 0.97 -5.20 15.87
C ASN A 147 -0.33 -5.64 16.46
N SER A 148 -0.62 -5.17 17.68
CA SER A 148 -1.84 -5.57 18.35
C SER A 148 -3.06 -4.98 17.72
N MET A 149 -3.04 -3.67 17.43
CA MET A 149 -4.22 -3.00 16.88
C MET A 149 -4.58 -3.52 15.51
N LEU A 150 -3.56 -3.84 14.70
CA LEU A 150 -3.79 -4.34 13.31
C LEU A 150 -4.35 -5.75 13.30
N ARG A 151 -4.26 -6.48 14.40
CA ARG A 151 -4.70 -7.84 14.50
C ARG A 151 -3.83 -8.78 13.69
N VAL A 152 -2.51 -8.52 13.76
CA VAL A 152 -1.54 -9.40 13.15
C VAL A 152 -1.62 -10.78 13.79
N ASN A 153 -1.50 -11.82 12.95
CA ASN A 153 -1.50 -13.20 13.39
C ASN A 153 -0.52 -14.00 12.54
N HIS A 154 -0.38 -15.26 12.93
CA HIS A 154 0.67 -16.10 12.40
C HIS A 154 0.14 -17.42 11.91
N ILE A 155 0.58 -17.90 10.78
CA ILE A 155 0.07 -19.15 10.21
C ILE A 155 0.53 -20.32 11.07
N ASP A 156 -0.31 -21.32 11.19
CA ASP A 156 0.08 -22.57 11.86
C ASP A 156 1.00 -23.37 10.99
N THR A 157 2.20 -23.70 11.53
CA THR A 157 3.20 -24.31 10.68
C THR A 157 2.82 -25.70 10.20
N LYS A 158 2.11 -26.48 11.03
CA LYS A 158 1.75 -27.84 10.54
C LYS A 158 0.75 -27.76 9.40
N TRP A 159 -0.23 -26.86 9.55
CA TRP A 159 -1.20 -26.66 8.49
C TRP A 159 -0.50 -26.22 7.20
N PHE A 160 0.37 -25.22 7.33
CA PHE A 160 1.11 -24.73 6.18
C PHE A 160 1.88 -25.86 5.49
N GLU A 161 2.50 -26.73 6.28
CA GLU A 161 3.33 -27.78 5.68
C GLU A 161 2.48 -28.76 4.93
N ASP A 162 1.30 -28.98 5.39
CA ASP A 162 0.43 -30.06 4.88
C ASP A 162 -0.48 -29.63 3.74
N THR A 163 -0.88 -28.37 3.67
CA THR A 163 -1.98 -27.99 2.78
C THR A 163 -1.56 -27.81 1.36
N GLU A 164 -2.42 -28.24 0.44
CA GLU A 164 -2.20 -28.01 -0.96
C GLU A 164 -2.12 -26.53 -1.28
N TRP A 165 -2.76 -25.69 -0.48
CA TRP A 165 -2.89 -24.26 -0.82
C TRP A 165 -1.58 -23.52 -0.70
N TYR A 166 -0.56 -24.14 -0.08
CA TYR A 166 0.77 -23.52 0.07
C TYR A 166 1.87 -24.35 -0.59
N LYS A 167 1.50 -25.32 -1.44
CA LYS A 167 2.56 -26.01 -2.18
C LYS A 167 3.48 -25.06 -2.91
N PHE A 168 2.90 -23.98 -3.48
CA PHE A 168 3.71 -23.05 -4.26
C PHE A 168 4.82 -22.48 -3.40
N ALA A 169 4.52 -22.24 -2.13
CA ALA A 169 5.49 -21.63 -1.21
C ALA A 169 6.59 -22.64 -0.86
N ARG A 170 6.19 -23.89 -0.62
CA ARG A 170 7.14 -24.93 -0.29
C ARG A 170 8.07 -25.20 -1.44
N VAL A 171 7.59 -25.17 -2.68
CA VAL A 171 8.48 -25.38 -3.83
C VAL A 171 9.56 -24.32 -3.87
N SER A 172 9.19 -23.02 -3.74
CA SER A 172 10.25 -22.02 -3.75
C SER A 172 11.16 -22.13 -2.54
N ARG A 173 10.65 -22.52 -1.39
CA ARG A 173 11.52 -22.75 -0.22
C ARG A 173 12.57 -23.78 -0.56
N GLU A 174 12.21 -24.86 -1.18
CA GLU A 174 13.17 -25.95 -1.47
C GLU A 174 14.19 -25.46 -2.50
N GLN A 175 13.72 -24.74 -3.50
CA GLN A 175 14.63 -24.24 -4.54
C GLN A 175 15.60 -23.25 -3.95
N ALA A 176 15.10 -22.31 -3.12
CA ALA A 176 15.97 -21.35 -2.51
C ALA A 176 17.01 -22.01 -1.64
N GLY A 177 16.59 -23.04 -0.93
CA GLY A 177 17.50 -23.72 -0.03
C GLY A 177 18.68 -24.36 -0.74
N LYS A 178 18.50 -24.76 -1.99
CA LYS A 178 19.63 -25.32 -2.76
C LYS A 178 20.66 -24.28 -3.04
N ALA A 179 20.29 -23.01 -3.02
CA ALA A 179 21.20 -21.90 -3.20
C ALA A 179 21.73 -21.28 -1.90
N GLY A 180 21.43 -21.95 -0.79
CA GLY A 180 21.92 -21.45 0.49
C GLY A 180 21.05 -20.37 1.05
N LEU A 181 19.87 -20.04 0.51
N LEU A 181 19.79 -20.50 0.64
CA LEU A 181 19.04 -18.89 0.84
CA LEU A 181 18.85 -19.60 1.28
C LEU A 181 17.83 -19.35 1.70
C LEU A 181 17.76 -20.31 2.06
N GLY A 182 17.60 -18.60 2.74
N GLY A 182 17.53 -19.80 3.26
CA GLY A 182 16.59 -18.91 3.71
CA GLY A 182 16.39 -20.08 4.06
C GLY A 182 15.29 -18.12 3.48
C GLY A 182 15.19 -19.23 3.73
N THR A 183 14.24 -18.70 4.03
N THR A 183 14.07 -19.51 4.42
CA THR A 183 12.92 -18.09 3.98
CA THR A 183 12.82 -18.74 4.23
C THR A 183 12.54 -17.88 5.43
C THR A 183 12.35 -18.18 5.57
N VAL A 184 11.46 -17.16 5.57
CA VAL A 184 10.82 -16.72 6.78
C VAL A 184 9.30 -16.72 6.53
N PHE A 185 8.59 -17.09 7.63
CA PHE A 185 7.14 -16.87 7.65
C PHE A 185 6.83 -15.38 7.75
N VAL A 186 5.76 -14.99 7.08
CA VAL A 186 5.36 -13.60 7.02
CA VAL A 186 5.30 -13.62 6.99
C VAL A 186 4.02 -13.46 7.79
N PRO A 187 4.01 -12.70 8.88
CA PRO A 187 2.77 -12.47 9.63
C PRO A 187 1.77 -11.74 8.77
N ASN A 188 0.50 -11.79 9.14
CA ASN A 188 -0.57 -11.24 8.27
C ASN A 188 -1.74 -10.76 9.11
N VAL A 189 -2.55 -9.87 8.51
CA VAL A 189 -3.83 -9.50 9.09
C VAL A 189 -4.99 -10.35 8.58
N TYR A 190 -4.75 -11.21 7.62
CA TYR A 190 -5.74 -12.22 7.24
C TYR A 190 -5.78 -13.26 8.35
N ASP A 191 -6.96 -13.60 8.82
CA ASP A 191 -7.09 -14.59 9.91
C ASP A 191 -6.74 -15.96 9.39
N PHE A 192 -5.62 -16.50 9.87
CA PHE A 192 -5.17 -17.81 9.39
C PHE A 192 -6.02 -18.94 9.93
N GLY A 193 -6.68 -18.75 11.08
CA GLY A 193 -7.63 -19.77 11.57
C GLY A 193 -8.80 -19.87 10.60
N TYR A 194 -9.31 -18.72 10.19
CA TYR A 194 -10.38 -18.69 9.17
C TYR A 194 -9.89 -19.39 7.91
N MET A 195 -8.67 -19.11 7.50
CA MET A 195 -8.16 -19.73 6.28
C MET A 195 -8.13 -21.23 6.40
N GLN A 196 -7.76 -21.79 7.57
CA GLN A 196 -7.81 -23.25 7.72
C GLN A 196 -9.23 -23.77 7.54
N ARG A 197 -10.19 -23.05 8.08
CA ARG A 197 -11.56 -23.44 7.97
C ARG A 197 -12.05 -23.33 6.53
N GLU A 198 -11.56 -22.37 5.76
CA GLU A 198 -11.85 -22.31 4.32
C GLU A 198 -11.45 -23.59 3.65
N ALA A 199 -10.23 -24.06 3.94
CA ALA A 199 -9.68 -25.24 3.23
C ALA A 199 -10.49 -26.47 3.61
N ALA A 200 -11.03 -26.49 4.84
CA ALA A 200 -11.88 -27.59 5.33
C ALA A 200 -13.32 -27.48 4.82
N GLY A 201 -13.66 -26.48 4.06
CA GLY A 201 -15.02 -26.33 3.54
C GLY A 201 -16.00 -25.92 4.61
N GLU A 202 -15.57 -25.27 5.68
CA GLU A 202 -16.38 -24.92 6.82
C GLU A 202 -16.90 -23.52 6.85
N VAL A 203 -16.28 -22.63 6.08
CA VAL A 203 -16.67 -21.22 6.01
C VAL A 203 -16.50 -20.76 4.56
N PRO A 204 -17.17 -19.66 4.16
CA PRO A 204 -16.99 -19.14 2.80
C PRO A 204 -15.56 -18.81 2.48
N LYS A 205 -15.11 -19.23 1.31
CA LYS A 205 -13.74 -18.95 0.87
C LYS A 205 -13.55 -17.54 0.42
N SER A 206 -12.32 -17.05 0.62
CA SER A 206 -11.91 -15.74 0.09
C SER A 206 -10.46 -15.85 -0.41
N ALA A 207 -9.50 -15.96 0.52
CA ALA A 207 -8.13 -16.25 0.12
C ALA A 207 -8.05 -17.51 -0.72
N LEU A 208 -8.87 -18.51 -0.42
CA LEU A 208 -8.83 -19.80 -1.14
C LEU A 208 -9.84 -19.82 -2.28
N ALA A 209 -10.34 -18.66 -2.69
CA ALA A 209 -11.21 -18.47 -3.85
C ALA A 209 -10.70 -17.32 -4.71
N THR A 210 -9.38 -17.21 -4.83
CA THR A 210 -8.77 -16.24 -5.75
C THR A 210 -9.30 -14.83 -5.54
N GLU A 211 -9.31 -14.39 -4.26
CA GLU A 211 -9.57 -13.01 -3.94
C GLU A 211 -8.40 -12.43 -3.17
N VAL A 212 -7.99 -11.23 -3.53
CA VAL A 212 -7.14 -10.37 -2.69
C VAL A 212 -7.09 -8.93 -3.23
N ILE A 213 -6.67 -8.78 -4.48
CA ILE A 213 -6.26 -7.48 -4.97
C ILE A 213 -7.45 -6.57 -5.32
N TYR A 214 -8.67 -7.15 -5.43
CA TYR A 214 -9.88 -6.35 -5.53
C TYR A 214 -10.70 -6.45 -4.25
N GLY A 215 -10.06 -6.80 -3.13
CA GLY A 215 -10.72 -6.98 -1.88
C GLY A 215 -10.92 -8.47 -1.53
N ASN A 216 -11.09 -8.70 -0.25
CA ASN A 216 -11.42 -10.02 0.28
C ASN A 216 -12.80 -9.94 0.92
N ASN A 217 -13.74 -10.80 0.43
CA ASN A 217 -15.04 -10.86 1.02
C ASN A 217 -15.07 -11.44 2.39
N HIS A 218 -14.02 -12.17 2.83
CA HIS A 218 -13.93 -12.74 4.16
C HIS A 218 -12.46 -12.75 4.56
N GLY A 219 -12.23 -12.94 5.87
CA GLY A 219 -10.92 -13.26 6.39
C GLY A 219 -9.96 -12.12 6.64
N LYS A 220 -9.87 -11.14 5.78
CA LYS A 220 -8.84 -10.13 5.87
C LYS A 220 -9.26 -9.01 6.79
N GLN A 221 -8.48 -8.73 7.83
CA GLN A 221 -8.81 -7.65 8.76
C GLN A 221 -8.23 -6.35 8.23
N SER A 222 -8.93 -5.81 7.23
CA SER A 222 -8.63 -4.49 6.71
C SER A 222 -8.98 -3.43 7.77
N LEU A 223 -8.60 -2.18 7.51
CA LEU A 223 -8.65 -1.14 8.53
C LEU A 223 -10.09 -0.76 8.91
N ASP A 224 -11.06 -0.99 8.03
CA ASP A 224 -12.46 -0.76 8.37
C ASP A 224 -12.89 -1.64 9.54
N LYS A 225 -12.30 -2.83 9.70
CA LYS A 225 -12.57 -3.70 10.83
C LYS A 225 -11.77 -3.40 12.07
N THR A 226 -10.60 -2.76 11.92
CA THR A 226 -9.67 -2.60 13.05
C THR A 226 -9.65 -1.13 13.45
N TYR A 227 -8.71 -0.34 13.03
CA TYR A 227 -8.58 1.02 13.50
C TYR A 227 -9.82 1.85 13.22
N LEU A 228 -10.40 1.74 12.02
CA LEU A 228 -11.52 2.66 11.70
C LEU A 228 -12.76 2.28 12.49
N ALA A 229 -13.03 0.98 12.69
CA ALA A 229 -14.17 0.60 13.55
C ALA A 229 -13.95 1.15 14.94
N ALA A 230 -12.72 1.07 15.46
CA ALA A 230 -12.48 1.61 16.80
C ALA A 230 -12.63 3.13 16.79
N ALA A 231 -12.21 3.81 15.75
CA ALA A 231 -12.33 5.28 15.67
C ALA A 231 -13.79 5.65 15.71
N LEU A 232 -14.63 4.98 14.90
CA LEU A 232 -16.05 5.24 14.93
C LEU A 232 -16.64 4.97 16.31
N GLY A 233 -16.15 3.95 16.98
CA GLY A 233 -16.57 3.57 18.32
C GLY A 233 -16.33 4.61 19.39
N THR A 234 -15.45 5.59 19.12
CA THR A 234 -15.17 6.62 20.14
C THR A 234 -16.34 7.57 20.27
N GLY A 235 -17.19 7.65 19.27
CA GLY A 235 -18.31 8.60 19.22
C GLY A 235 -17.85 9.97 18.74
N LYS A 236 -16.61 10.18 18.38
CA LYS A 236 -16.04 11.46 18.02
C LYS A 236 -15.55 11.49 16.58
N VAL A 237 -15.78 10.47 15.79
CA VAL A 237 -15.28 10.37 14.44
C VAL A 237 -16.42 10.04 13.47
N THR A 238 -16.47 10.75 12.35
CA THR A 238 -17.34 10.36 11.26
CA THR A 238 -17.37 10.60 11.22
C THR A 238 -16.55 10.32 9.96
N ILE A 239 -17.08 9.58 9.00
CA ILE A 239 -16.43 9.34 7.72
C ILE A 239 -17.44 9.71 6.63
N GLN A 240 -17.02 10.61 5.73
CA GLN A 240 -17.83 10.93 4.54
C GLN A 240 -17.09 10.40 3.33
N THR A 241 -17.80 9.61 2.51
CA THR A 241 -17.25 8.89 1.40
C THR A 241 -17.59 9.54 0.08
N LEU A 242 -16.90 9.18 -0.97
CA LEU A 242 -17.04 9.80 -2.27
C LEU A 242 -16.84 11.33 -2.15
N HIS A 243 -15.98 11.73 -1.22
CA HIS A 243 -15.58 13.13 -0.98
C HIS A 243 -14.08 13.25 -1.19
N GLN A 244 -13.67 13.97 -2.25
CA GLN A 244 -12.28 14.12 -2.59
C GLN A 244 -11.87 15.57 -2.26
N VAL A 245 -10.85 15.72 -1.43
CA VAL A 245 -10.31 17.06 -1.21
C VAL A 245 -9.47 17.47 -2.43
N LYS A 246 -9.74 18.66 -2.92
CA LYS A 246 -9.06 19.22 -4.07
C LYS A 246 -8.06 20.31 -3.68
N THR A 247 -8.40 21.22 -2.79
CA THR A 247 -7.50 22.30 -2.44
C THR A 247 -7.52 22.50 -0.91
N ILE A 248 -6.36 23.01 -0.42
CA ILE A 248 -6.14 23.32 0.94
C ILE A 248 -5.61 24.77 1.05
N ARG A 249 -6.18 25.57 1.95
CA ARG A 249 -5.65 26.92 2.18
C ARG A 249 -5.67 27.16 3.66
N GLN A 250 -4.85 28.13 4.12
CA GLN A 250 -4.90 28.63 5.46
C GLN A 250 -5.91 29.75 5.49
N THR A 251 -6.89 29.66 6.42
CA THR A 251 -7.93 30.71 6.34
CA THR A 251 -7.53 30.93 6.78
C THR A 251 -7.39 32.00 6.93
C THR A 251 -6.62 31.98 7.37
N LYS A 252 -8.00 33.13 6.62
N LYS A 252 -7.16 33.20 7.44
CA LYS A 252 -7.53 34.39 7.17
CA LYS A 252 -6.43 34.38 7.86
C LYS A 252 -7.57 34.41 8.69
C LYS A 252 -6.03 34.29 9.32
N ASP A 253 -8.49 33.68 9.32
N ASP A 253 -6.73 33.46 10.07
CA ASP A 253 -8.66 33.70 10.76
CA ASP A 253 -6.51 33.25 11.49
C ASP A 253 -8.07 32.49 11.46
C ASP A 253 -5.77 31.96 11.80
N GLY A 254 -7.23 31.72 10.71
N GLY A 254 -5.26 31.26 10.79
CA GLY A 254 -6.63 30.60 11.36
CA GLY A 254 -4.37 30.13 11.01
C GLY A 254 -7.25 29.27 11.01
C GLY A 254 -5.02 28.76 11.02
N GLY A 255 -6.51 28.18 11.18
N GLY A 255 -6.29 28.67 10.63
CA GLY A 255 -6.99 26.89 10.70
CA GLY A 255 -7.08 27.48 10.40
C GLY A 255 -6.87 26.82 9.19
C GLY A 255 -7.03 27.03 8.97
N TYR A 256 -7.59 25.85 8.65
CA TYR A 256 -7.51 25.43 7.24
C TYR A 256 -8.90 25.30 6.64
N ALA A 257 -9.00 25.62 5.37
CA ALA A 257 -10.24 25.43 4.60
C ALA A 257 -9.91 24.61 3.39
N LEU A 258 -10.86 23.69 3.09
CA LEU A 258 -10.72 22.71 2.04
C LEU A 258 -11.84 22.91 1.03
N THR A 259 -11.54 22.75 -0.25
CA THR A 259 -12.59 22.51 -1.25
C THR A 259 -12.66 21.01 -1.47
N VAL A 260 -13.92 20.49 -1.40
CA VAL A 260 -14.15 19.07 -1.37
C VAL A 260 -15.25 18.74 -2.38
N GLU A 261 -14.95 17.87 -3.33
CA GLU A 261 -15.93 17.46 -4.31
C GLU A 261 -16.62 16.20 -3.88
N GLN A 262 -17.93 16.18 -3.92
CA GLN A 262 -18.73 15.01 -3.67
C GLN A 262 -19.19 14.46 -5.03
N LYS A 263 -18.91 13.20 -5.29
CA LYS A 263 -19.31 12.53 -6.52
C LYS A 263 -20.21 11.34 -6.19
N ASP A 264 -20.86 10.85 -7.27
CA ASP A 264 -21.52 9.55 -7.15
C ASP A 264 -20.54 8.47 -7.65
N THR A 265 -20.97 7.22 -7.60
CA THR A 265 -20.10 6.12 -8.00
C THR A 265 -19.81 6.05 -9.50
N ASP A 266 -20.55 6.80 -10.30
CA ASP A 266 -20.22 6.97 -11.73
C ASP A 266 -19.28 8.11 -11.98
N GLY A 267 -18.85 8.81 -10.93
CA GLY A 267 -17.96 9.96 -11.08
C GLY A 267 -18.62 11.28 -11.38
N LYS A 268 -19.94 11.33 -11.34
CA LYS A 268 -20.63 12.59 -11.57
C LYS A 268 -20.48 13.49 -10.35
N LEU A 269 -20.18 14.76 -10.62
CA LEU A 269 -20.03 15.76 -9.58
C LEU A 269 -21.40 16.14 -9.01
N LEU A 270 -21.63 15.91 -7.72
CA LEU A 270 -22.88 16.22 -7.07
C LEU A 270 -22.84 17.57 -6.37
N ALA A 271 -21.73 17.94 -5.80
CA ALA A 271 -21.58 19.16 -4.99
C ALA A 271 -20.11 19.46 -4.80
N THR A 272 -19.82 20.74 -4.61
CA THR A 272 -18.50 21.17 -4.15
C THR A 272 -18.75 21.91 -2.87
N LYS A 273 -18.10 21.49 -1.82
CA LYS A 273 -18.27 21.97 -0.47
C LYS A 273 -17.02 22.62 0.08
N GLU A 274 -17.19 23.57 0.97
CA GLU A 274 -16.09 24.11 1.73
CA GLU A 274 -16.11 24.14 1.74
C GLU A 274 -16.18 23.58 3.15
N ILE A 275 -15.10 22.99 3.65
CA ILE A 275 -15.03 22.39 4.96
C ILE A 275 -13.81 23.02 5.62
N SER A 276 -13.97 23.51 6.84
CA SER A 276 -12.86 24.12 7.55
C SER A 276 -12.58 23.39 8.87
N CYS A 277 -11.38 23.63 9.42
CA CYS A 277 -10.96 22.92 10.61
C CYS A 277 -9.88 23.69 11.32
N ARG A 278 -9.60 23.24 12.53
CA ARG A 278 -8.49 23.74 13.35
C ARG A 278 -7.22 22.94 13.05
N TYR A 279 -7.36 21.60 13.02
CA TYR A 279 -6.25 20.67 12.83
C TYR A 279 -6.50 19.90 11.56
N LEU A 280 -5.52 19.86 10.66
CA LEU A 280 -5.67 19.17 9.38
C LEU A 280 -4.59 18.09 9.26
N PHE A 281 -5.04 16.83 9.08
CA PHE A 281 -4.17 15.67 8.96
C PHE A 281 -4.33 15.07 7.56
N LEU A 282 -3.22 14.95 6.85
CA LEU A 282 -3.23 14.35 5.53
C LEU A 282 -2.84 12.89 5.61
N GLY A 283 -3.75 12.03 5.15
CA GLY A 283 -3.55 10.59 5.09
C GLY A 283 -4.01 10.08 3.71
N ALA A 284 -3.76 10.86 2.68
CA ALA A 284 -4.13 10.57 1.32
C ALA A 284 -3.14 9.68 0.57
N GLY A 285 -2.14 9.17 1.27
CA GLY A 285 -1.12 8.32 0.71
C GLY A 285 0.07 9.09 0.19
N SER A 286 1.14 8.36 -0.11
CA SER A 286 2.30 8.91 -0.80
C SER A 286 1.88 9.74 -2.00
N LEU A 287 0.99 9.19 -2.85
CA LEU A 287 0.58 9.95 -4.03
C LEU A 287 -0.34 11.11 -3.63
N GLY A 288 -1.39 10.83 -2.86
CA GLY A 288 -2.44 11.83 -2.67
C GLY A 288 -2.04 12.98 -1.76
N SER A 289 -1.31 12.68 -0.67
CA SER A 289 -0.88 13.77 0.22
C SER A 289 0.11 14.65 -0.49
N THR A 290 1.07 14.03 -1.20
CA THR A 290 2.08 14.80 -1.89
C THR A 290 1.42 15.67 -2.97
N GLU A 291 0.46 15.13 -3.71
CA GLU A 291 -0.19 15.93 -4.73
C GLU A 291 -0.90 17.14 -4.13
N LEU A 292 -1.61 16.93 -3.02
CA LEU A 292 -2.29 18.06 -2.38
C LEU A 292 -1.32 19.16 -2.03
N LEU A 293 -0.17 18.80 -1.46
CA LEU A 293 0.78 19.80 -1.01
C LEU A 293 1.56 20.44 -2.13
N VAL A 294 2.00 19.70 -3.17
CA VAL A 294 2.63 20.35 -4.30
C VAL A 294 1.65 21.31 -4.98
N ARG A 295 0.39 20.90 -5.13
CA ARG A 295 -0.64 21.80 -5.71
C ARG A 295 -0.75 23.05 -4.83
N ALA A 296 -0.88 22.89 -3.51
CA ALA A 296 -1.09 24.03 -2.63
C ALA A 296 0.10 24.99 -2.71
N ARG A 297 1.33 24.47 -2.75
CA ARG A 297 2.49 25.32 -2.84
C ARG A 297 2.43 26.10 -4.14
N ASP A 298 2.27 25.37 -5.27
CA ASP A 298 2.53 25.97 -6.57
C ASP A 298 1.34 26.75 -7.09
N THR A 299 0.15 26.61 -6.52
CA THR A 299 -0.99 27.50 -6.84
C THR A 299 -1.15 28.59 -5.80
N GLY A 300 -0.28 28.69 -4.82
CA GLY A 300 -0.25 29.78 -3.90
C GLY A 300 -1.18 29.76 -2.75
N THR A 301 -1.80 28.60 -2.47
CA THR A 301 -2.72 28.51 -1.33
C THR A 301 -2.01 28.08 -0.05
N LEU A 302 -0.83 27.45 -0.14
CA LEU A 302 0.05 27.22 1.02
C LEU A 302 1.42 27.65 0.57
N PRO A 303 1.62 28.97 0.41
CA PRO A 303 2.86 29.44 -0.20
C PRO A 303 4.13 29.23 0.65
N ASN A 304 3.99 28.91 1.93
CA ASN A 304 5.12 28.75 2.83
CA ASN A 304 5.20 28.77 2.71
C ASN A 304 5.66 27.33 2.82
N LEU A 305 5.12 26.43 2.02
CA LEU A 305 5.66 25.08 1.95
C LEU A 305 7.06 25.08 1.36
N ASN A 306 7.91 24.18 1.81
CA ASN A 306 9.30 24.18 1.42
C ASN A 306 9.53 23.36 0.14
N SER A 307 10.78 23.43 -0.32
CA SER A 307 11.17 22.81 -1.57
C SER A 307 11.27 21.30 -1.45
N GLU A 308 11.27 20.77 -0.23
CA GLU A 308 11.29 19.30 -0.06
C GLU A 308 9.94 18.68 -0.33
N VAL A 309 8.87 19.47 -0.31
CA VAL A 309 7.55 18.92 -0.67
C VAL A 309 7.62 18.47 -2.10
N GLY A 310 7.31 17.19 -2.36
CA GLY A 310 7.39 16.59 -3.65
C GLY A 310 8.60 15.64 -3.81
N ALA A 311 9.63 15.80 -3.00
CA ALA A 311 10.89 15.13 -3.22
C ALA A 311 10.97 13.79 -2.53
N GLY A 312 11.97 13.01 -2.93
CA GLY A 312 12.32 11.85 -2.13
C GLY A 312 11.41 10.65 -2.28
N TRP A 313 10.79 10.50 -3.45
CA TRP A 313 9.90 9.35 -3.67
C TRP A 313 10.68 8.14 -4.16
N GLY A 314 10.34 6.98 -3.68
CA GLY A 314 10.82 5.73 -4.24
C GLY A 314 9.81 4.66 -4.12
N PRO A 315 9.94 3.61 -4.95
CA PRO A 315 8.94 2.53 -5.01
C PRO A 315 9.23 1.37 -4.06
N ASN A 316 9.91 1.61 -2.96
CA ASN A 316 10.34 0.55 -2.04
C ASN A 316 11.12 -0.52 -2.78
N GLY A 317 11.85 -0.14 -3.83
CA GLY A 317 12.66 -1.09 -4.57
C GLY A 317 11.87 -2.23 -5.18
N ASN A 318 10.57 -2.03 -5.46
CA ASN A 318 9.72 -3.12 -5.92
C ASN A 318 10.11 -3.59 -7.34
N ILE A 319 10.29 -4.88 -7.45
CA ILE A 319 10.57 -5.55 -8.75
C ILE A 319 9.83 -6.87 -8.72
N MET A 320 9.18 -7.26 -9.81
CA MET A 320 8.52 -8.56 -9.89
C MET A 320 9.30 -9.44 -10.88
N THR A 321 9.45 -10.72 -10.53
CA THR A 321 10.11 -11.64 -11.48
C THR A 321 9.54 -13.02 -11.27
N ALA A 322 9.90 -13.95 -12.13
CA ALA A 322 9.31 -15.30 -12.06
C ALA A 322 10.33 -16.30 -12.64
N ARG A 323 10.26 -17.49 -12.09
CA ARG A 323 11.08 -18.62 -12.52
C ARG A 323 10.19 -19.74 -13.03
N ALA A 324 10.68 -20.44 -14.05
CA ALA A 324 10.01 -21.61 -14.59
C ALA A 324 10.54 -22.84 -13.84
N ASN A 325 9.65 -23.56 -13.15
CA ASN A 325 10.09 -24.73 -12.42
C ASN A 325 10.29 -25.92 -13.40
N HIS A 326 11.11 -26.87 -12.89
CA HIS A 326 11.18 -28.16 -13.53
C HIS A 326 9.78 -28.79 -13.52
N MET A 327 9.52 -29.69 -14.49
CA MET A 327 8.23 -30.33 -14.55
C MET A 327 7.89 -31.11 -13.29
N TRP A 328 8.89 -31.62 -12.59
CA TRP A 328 8.69 -32.35 -11.35
C TRP A 328 8.47 -31.49 -10.14
N ASN A 329 8.43 -30.18 -10.31
CA ASN A 329 8.13 -29.23 -9.23
C ASN A 329 6.93 -28.36 -9.59
N PRO A 330 5.76 -28.96 -9.77
CA PRO A 330 4.58 -28.16 -9.98
C PRO A 330 4.29 -27.31 -8.75
N THR A 331 3.70 -26.12 -8.98
CA THR A 331 3.38 -25.25 -7.87
C THR A 331 1.94 -25.40 -7.39
N GLY A 332 1.12 -26.13 -8.11
CA GLY A 332 -0.26 -26.39 -7.76
C GLY A 332 -1.27 -25.54 -8.49
N ALA A 333 -2.45 -26.09 -8.74
CA ALA A 333 -3.56 -25.34 -9.26
C ALA A 333 -4.27 -24.50 -8.20
N HIS A 334 -4.11 -24.87 -6.95
CA HIS A 334 -4.79 -24.21 -5.84
CA HIS A 334 -4.78 -24.27 -5.80
C HIS A 334 -3.75 -23.51 -4.98
N GLN A 335 -3.72 -22.21 -5.06
CA GLN A 335 -2.70 -21.37 -4.41
C GLN A 335 -3.46 -20.33 -3.57
N SER A 336 -3.26 -20.34 -2.25
CA SER A 336 -3.83 -19.28 -1.43
C SER A 336 -3.41 -17.92 -1.96
N SER A 337 -4.35 -16.97 -1.99
CA SER A 337 -4.07 -15.65 -2.49
C SER A 337 -3.26 -14.79 -1.53
N ILE A 338 -3.06 -15.27 -0.31
CA ILE A 338 -2.33 -14.57 0.74
C ILE A 338 -0.93 -15.21 0.84
N PRO A 339 0.15 -14.47 0.58
CA PRO A 339 1.48 -15.08 0.72
C PRO A 339 1.74 -15.41 2.17
N ALA A 340 2.54 -16.42 2.40
CA ALA A 340 2.93 -16.81 3.75
C ALA A 340 4.44 -16.89 3.98
N LEU A 341 5.24 -16.94 2.93
CA LEU A 341 6.66 -17.12 3.04
C LEU A 341 7.37 -16.09 2.18
N GLY A 342 8.54 -15.64 2.68
CA GLY A 342 9.43 -14.81 1.94
C GLY A 342 10.83 -15.34 2.01
N ILE A 343 11.68 -14.80 1.15
CA ILE A 343 13.12 -15.07 1.13
C ILE A 343 13.81 -13.81 1.67
N ASP A 344 14.42 -13.93 2.86
CA ASP A 344 15.09 -12.81 3.50
C ASP A 344 16.59 -12.87 3.18
N ALA A 345 16.97 -12.09 2.22
CA ALA A 345 18.37 -11.88 1.87
C ALA A 345 18.75 -10.43 1.98
N TRP A 346 18.25 -9.80 3.05
CA TRP A 346 18.39 -8.38 3.29
C TRP A 346 19.40 -8.22 4.44
N ASP A 347 20.57 -7.65 4.10
CA ASP A 347 21.58 -7.41 5.09
C ASP A 347 21.97 -5.92 5.17
N ASN A 348 21.20 -5.05 4.56
CA ASN A 348 21.34 -3.60 4.49
C ASN A 348 22.39 -3.20 3.47
N SER A 349 23.05 -4.11 2.84
CA SER A 349 23.98 -3.76 1.75
C SER A 349 23.20 -3.52 0.49
N ASP A 350 23.89 -3.04 -0.55
CA ASP A 350 23.25 -2.73 -1.84
C ASP A 350 22.77 -3.97 -2.57
N SER A 351 23.18 -5.17 -2.14
CA SER A 351 22.69 -6.41 -2.72
CA SER A 351 22.68 -6.40 -2.75
C SER A 351 21.44 -6.94 -2.05
N SER A 352 20.95 -6.20 -1.03
CA SER A 352 19.85 -6.70 -0.23
C SER A 352 18.60 -6.98 -1.06
N VAL A 353 17.95 -8.08 -0.72
CA VAL A 353 16.62 -8.41 -1.28
C VAL A 353 15.80 -9.07 -0.18
N PHE A 354 14.56 -8.60 0.00
N PHE A 354 14.53 -8.65 -0.07
CA PHE A 354 13.54 -9.25 0.80
CA PHE A 354 13.55 -9.38 0.70
C PHE A 354 12.46 -9.63 -0.22
C PHE A 354 12.38 -9.66 -0.25
N ALA A 355 12.21 -10.93 -0.31
N ALA A 355 12.21 -10.89 -0.69
CA ALA A 355 11.31 -11.35 -1.39
CA ALA A 355 11.25 -11.18 -1.76
C ALA A 355 10.11 -12.07 -0.79
C ALA A 355 10.10 -12.06 -1.34
N GLU A 356 8.95 -11.71 -1.31
N GLU A 356 8.89 -11.52 -1.53
CA GLU A 356 7.74 -12.50 -1.00
CA GLU A 356 7.66 -12.32 -1.33
C GLU A 356 7.53 -13.48 -2.18
C GLU A 356 7.64 -13.53 -2.25
N ILE A 357 7.25 -14.70 -1.78
CA ILE A 357 6.92 -15.83 -2.67
C ILE A 357 5.43 -15.65 -2.95
N ALA A 358 5.12 -15.18 -4.14
CA ALA A 358 3.78 -14.72 -4.47
C ALA A 358 2.96 -15.83 -5.10
N PRO A 359 1.71 -15.97 -4.70
CA PRO A 359 0.83 -16.96 -5.33
C PRO A 359 0.45 -16.46 -6.70
N MET A 360 0.02 -17.42 -7.51
CA MET A 360 -0.65 -17.05 -8.71
C MET A 360 -2.04 -17.59 -8.84
N PRO A 361 -2.92 -16.79 -9.44
CA PRO A 361 -4.35 -17.09 -9.41
C PRO A 361 -4.86 -17.92 -10.58
N ALA A 362 -4.07 -18.41 -11.49
CA ALA A 362 -4.58 -19.14 -12.65
C ALA A 362 -5.45 -20.31 -12.33
N GLY A 363 -5.16 -21.02 -11.27
CA GLY A 363 -6.21 -22.05 -11.05
C GLY A 363 -6.04 -23.31 -11.84
N LEU A 364 -4.90 -23.34 -12.57
CA LEU A 364 -4.41 -24.53 -13.21
C LEU A 364 -2.88 -24.57 -13.15
N GLU A 365 -2.28 -25.72 -13.39
CA GLU A 365 -0.84 -25.81 -13.21
C GLU A 365 -0.10 -25.03 -14.32
N THR A 366 0.79 -24.14 -13.91
CA THR A 366 1.63 -23.40 -14.79
C THR A 366 3.14 -23.58 -14.57
N TRP A 367 3.54 -24.22 -13.47
CA TRP A 367 4.91 -24.40 -13.11
C TRP A 367 5.63 -23.09 -12.82
N VAL A 368 4.93 -21.96 -12.71
CA VAL A 368 5.62 -20.71 -12.48
C VAL A 368 5.72 -20.42 -10.99
N SER A 369 6.88 -19.98 -10.54
CA SER A 369 7.05 -19.33 -9.25
C SER A 369 7.20 -17.82 -9.51
N LEU A 370 6.42 -17.05 -8.75
CA LEU A 370 6.37 -15.60 -8.89
C LEU A 370 6.92 -14.97 -7.61
N TYR A 371 7.64 -13.85 -7.74
CA TYR A 371 8.25 -13.19 -6.62
C TYR A 371 8.09 -11.69 -6.73
N LEU A 372 7.81 -11.11 -5.56
N LEU A 372 7.79 -11.03 -5.61
CA LEU A 372 7.89 -9.65 -5.36
CA LEU A 372 7.83 -9.57 -5.55
C LEU A 372 9.14 -9.38 -4.54
C LEU A 372 9.01 -9.21 -4.65
N ALA A 373 10.10 -8.72 -5.24
CA ALA A 373 11.32 -8.36 -4.53
C ALA A 373 11.25 -6.93 -4.05
N ILE A 374 11.75 -6.72 -2.83
CA ILE A 374 11.99 -5.44 -2.21
C ILE A 374 13.51 -5.29 -2.12
N THR A 375 14.02 -4.21 -2.68
CA THR A 375 15.45 -3.98 -2.87
C THR A 375 15.86 -2.62 -2.32
N LYS A 376 17.16 -2.39 -2.27
CA LYS A 376 17.75 -1.17 -1.78
C LYS A 376 18.38 -0.43 -2.94
N ASN A 377 17.64 0.58 -3.46
CA ASN A 377 18.02 1.32 -4.65
C ASN A 377 17.98 2.78 -4.27
N PRO A 378 19.09 3.50 -4.29
CA PRO A 378 19.10 4.89 -3.82
C PRO A 378 18.36 5.88 -4.70
N GLN A 379 18.01 5.52 -5.92
CA GLN A 379 17.35 6.45 -6.82
C GLN A 379 16.04 6.94 -6.24
N ARG A 380 15.77 8.23 -6.45
CA ARG A 380 14.50 8.83 -6.02
C ARG A 380 13.94 9.68 -7.13
N GLY A 381 12.59 9.78 -7.11
CA GLY A 381 11.87 10.65 -8.03
C GLY A 381 11.28 11.84 -7.26
N THR A 382 10.73 12.76 -8.06
CA THR A 382 10.12 13.97 -7.54
C THR A 382 8.77 14.16 -8.19
N PHE A 383 7.78 14.50 -7.38
CA PHE A 383 6.51 14.94 -7.89
C PHE A 383 6.60 16.44 -8.18
N VAL A 384 6.28 16.79 -9.39
CA VAL A 384 6.22 18.23 -9.64
CA VAL A 384 6.34 18.14 -9.99
C VAL A 384 4.79 18.50 -10.07
C VAL A 384 4.95 18.62 -10.45
N TYR A 385 4.45 19.73 -9.85
CA TYR A 385 3.10 20.16 -10.19
C TYR A 385 3.04 20.63 -11.63
N ASP A 386 2.04 20.13 -12.35
CA ASP A 386 1.66 20.64 -13.66
C ASP A 386 0.43 21.50 -13.55
N ALA A 387 0.61 22.81 -13.56
CA ALA A 387 -0.56 23.69 -13.43
C ALA A 387 -1.51 23.58 -14.60
N ALA A 388 -1.01 23.17 -15.78
CA ALA A 388 -1.90 23.10 -16.93
C ALA A 388 -3.00 22.08 -16.69
N THR A 389 -2.65 20.85 -16.23
CA THR A 389 -3.63 19.80 -15.99
C THR A 389 -4.08 19.69 -14.53
N ASP A 390 -3.47 20.49 -13.66
CA ASP A 390 -3.73 20.44 -12.22
C ASP A 390 -3.44 19.09 -11.61
N ARG A 391 -2.35 18.50 -11.98
CA ARG A 391 -1.93 17.22 -11.47
C ARG A 391 -0.43 17.28 -11.09
N ALA A 392 -0.18 16.45 -10.09
N ALA A 392 0.02 16.64 -10.02
CA ALA A 392 1.21 16.11 -9.83
CA ALA A 392 1.44 16.52 -9.65
C ALA A 392 1.61 15.11 -10.93
C ALA A 392 1.99 15.27 -10.34
N LYS A 393 2.87 15.37 -11.33
CA LYS A 393 3.47 14.38 -12.20
C LYS A 393 4.67 13.79 -11.54
N LEU A 394 4.92 12.53 -11.60
CA LEU A 394 6.07 11.87 -10.98
C LEU A 394 7.19 11.78 -12.02
N ASN A 395 8.39 12.31 -11.78
N ASN A 395 8.25 12.52 -11.72
CA ASN A 395 9.35 12.42 -12.87
CA ASN A 395 9.48 12.52 -12.46
C ASN A 395 10.35 11.28 -13.05
C ASN A 395 10.30 11.34 -11.94
N TRP A 396 10.11 10.17 -12.52
CA TRP A 396 10.75 8.92 -12.37
C TRP A 396 10.95 8.31 -13.74
N THR A 397 12.15 7.90 -14.09
N THR A 397 12.15 7.81 -13.97
CA THR A 397 12.35 7.22 -15.39
CA THR A 397 12.40 7.05 -15.20
C THR A 397 12.74 5.79 -15.11
C THR A 397 12.65 5.59 -14.90
N ARG A 398 12.39 4.83 -15.99
CA ARG A 398 12.59 3.39 -15.81
C ARG A 398 14.05 3.01 -15.54
N ASP A 399 15.00 3.73 -16.16
CA ASP A 399 16.38 3.46 -15.90
CA ASP A 399 16.40 3.54 -15.91
C ASP A 399 16.73 3.70 -14.43
N GLN A 400 15.97 4.50 -13.69
CA GLN A 400 16.19 4.66 -12.25
C GLN A 400 15.94 3.37 -11.49
N ASN A 401 15.26 2.40 -12.05
CA ASN A 401 15.10 1.10 -11.40
C ASN A 401 16.20 0.12 -11.77
N ALA A 402 17.23 0.52 -12.51
CA ALA A 402 18.27 -0.45 -12.85
C ALA A 402 18.95 -1.01 -11.60
N PRO A 403 19.24 -0.25 -10.54
CA PRO A 403 19.87 -0.89 -9.37
C PRO A 403 18.96 -1.95 -8.73
N ALA A 404 17.67 -1.68 -8.69
CA ALA A 404 16.69 -2.63 -8.16
C ALA A 404 16.65 -3.90 -8.99
N VAL A 405 16.55 -3.77 -10.31
CA VAL A 405 16.62 -4.94 -11.17
C VAL A 405 17.91 -5.70 -10.95
N ASN A 406 19.03 -5.00 -10.87
CA ASN A 406 20.32 -5.67 -10.73
C ASN A 406 20.36 -6.51 -9.45
N ALA A 407 19.86 -5.95 -8.34
CA ALA A 407 19.87 -6.67 -7.08
C ALA A 407 18.95 -7.88 -7.11
N ALA A 408 17.75 -7.70 -7.65
CA ALA A 408 16.81 -8.81 -7.75
C ALA A 408 17.40 -9.91 -8.65
N LYS A 409 17.98 -9.49 -9.79
CA LYS A 409 18.54 -10.47 -10.70
C LYS A 409 19.69 -11.25 -10.07
N ALA A 410 20.58 -10.55 -9.33
CA ALA A 410 21.70 -11.27 -8.72
C ALA A 410 21.18 -12.35 -7.79
N LEU A 411 20.12 -12.05 -7.01
CA LEU A 411 19.61 -13.05 -6.06
C LEU A 411 18.99 -14.21 -6.80
N PHE A 412 18.08 -13.94 -7.73
CA PHE A 412 17.38 -14.99 -8.41
C PHE A 412 18.30 -15.76 -9.38
N ASP A 413 19.38 -15.12 -9.87
CA ASP A 413 20.40 -15.86 -10.65
C ASP A 413 21.01 -16.93 -9.76
N ARG A 414 21.24 -16.65 -8.50
CA ARG A 414 21.79 -17.68 -7.62
C ARG A 414 20.88 -18.88 -7.55
N ILE A 415 19.57 -18.61 -7.45
CA ILE A 415 18.59 -19.69 -7.34
C ILE A 415 18.55 -20.46 -8.65
N ASN A 416 18.52 -19.77 -9.76
CA ASN A 416 18.50 -20.46 -11.05
C ASN A 416 19.78 -21.31 -11.21
N LYS A 417 20.93 -20.78 -10.80
CA LYS A 417 22.18 -21.54 -10.99
C LYS A 417 22.15 -22.81 -10.19
N ALA A 418 21.67 -22.72 -8.95
CA ALA A 418 21.69 -23.87 -8.06
C ALA A 418 20.75 -24.95 -8.54
N ASN A 419 19.71 -24.57 -9.25
CA ASN A 419 18.63 -25.51 -9.65
C ASN A 419 18.58 -25.83 -11.11
N GLY A 420 19.42 -25.20 -11.94
CA GLY A 420 19.31 -25.45 -13.36
C GLY A 420 18.00 -25.01 -13.97
N THR A 421 17.43 -23.90 -13.48
CA THR A 421 16.20 -23.33 -14.01
C THR A 421 16.50 -21.98 -14.71
N ILE A 422 15.50 -21.54 -15.48
CA ILE A 422 15.55 -20.24 -16.14
C ILE A 422 14.37 -19.38 -15.69
N TYR A 423 14.50 -18.07 -15.97
CA TYR A 423 13.37 -17.16 -15.79
C TYR A 423 12.30 -17.44 -16.78
N ARG A 424 11.07 -17.02 -16.45
CA ARG A 424 10.08 -16.66 -17.48
C ARG A 424 10.41 -15.27 -18.03
N TYR A 425 10.12 -15.06 -19.32
CA TYR A 425 10.34 -13.81 -20.01
C TYR A 425 9.08 -13.21 -20.62
N ASP A 426 7.95 -13.92 -20.45
CA ASP A 426 6.73 -13.59 -21.18
C ASP A 426 5.58 -13.17 -20.27
N LEU A 427 5.77 -12.96 -18.98
CA LEU A 427 4.68 -12.69 -18.08
C LEU A 427 4.22 -11.25 -18.05
N PHE A 428 5.03 -10.32 -18.55
CA PHE A 428 4.84 -8.88 -18.39
C PHE A 428 4.47 -8.14 -19.67
C PHE A 428 4.95 -8.23 -19.78
N GLY A 429 4.33 -8.82 -20.79
CA GLY A 429 4.19 -8.28 -22.14
C GLY A 429 4.96 -9.10 -23.12
N THR A 430 4.77 -8.77 -24.40
CA THR A 430 5.32 -9.70 -25.40
C THR A 430 6.81 -9.62 -25.53
N GLN A 431 7.28 -8.36 -25.31
CA GLN A 431 8.73 -8.16 -25.31
C GLN A 431 9.38 -8.99 -24.23
N LEU A 432 10.43 -9.69 -24.48
CA LEU A 432 11.24 -10.47 -23.53
C LEU A 432 11.58 -9.64 -22.35
N LYS A 433 11.06 -9.92 -21.21
CA LYS A 433 11.28 -9.09 -20.02
C LYS A 433 11.06 -9.95 -18.80
N ALA A 434 12.12 -10.31 -18.11
CA ALA A 434 12.03 -11.14 -16.92
C ALA A 434 11.75 -10.32 -15.65
N PHE A 435 12.00 -9.05 -15.63
CA PHE A 435 11.84 -8.23 -14.43
C PHE A 435 10.92 -7.08 -14.73
N ALA A 436 9.78 -7.05 -14.02
CA ALA A 436 8.87 -5.92 -14.10
C ALA A 436 9.44 -4.80 -13.26
N ASP A 437 9.71 -3.67 -13.90
CA ASP A 437 10.47 -2.60 -13.33
C ASP A 437 9.79 -1.22 -13.42
N ASP A 438 8.50 -1.22 -13.65
CA ASP A 438 7.74 0.01 -13.87
C ASP A 438 6.35 -0.08 -13.19
N PHE A 439 6.30 -0.82 -12.10
CA PHE A 439 5.14 -0.82 -11.24
C PHE A 439 5.61 -0.57 -9.82
N CYS A 440 4.60 -0.24 -8.98
N CYS A 440 4.67 -0.23 -8.94
CA CYS A 440 4.88 -0.03 -7.55
CA CYS A 440 4.93 -0.44 -7.53
C CYS A 440 3.59 -0.37 -6.79
C CYS A 440 3.61 -0.35 -6.74
N TYR A 441 3.66 -1.24 -5.76
CA TYR A 441 2.59 -1.43 -4.81
C TYR A 441 2.83 -0.64 -3.52
N HIS A 442 4.10 -0.26 -3.29
CA HIS A 442 4.56 0.34 -2.03
C HIS A 442 5.17 1.72 -2.26
N PRO A 443 4.34 2.73 -2.65
CA PRO A 443 4.94 4.07 -2.91
C PRO A 443 5.32 4.67 -1.58
N LEU A 444 6.56 5.21 -1.54
CA LEU A 444 7.05 5.77 -0.27
C LEU A 444 7.74 7.10 -0.57
N GLY A 445 7.31 8.15 0.15
CA GLY A 445 7.97 9.42 0.05
C GLY A 445 7.13 10.44 -0.69
N GLY A 446 7.76 11.62 -0.91
CA GLY A 446 7.08 12.81 -1.41
C GLY A 446 6.88 13.89 -0.38
N CYS A 447 6.82 13.53 0.92
CA CYS A 447 6.67 14.50 1.99
C CYS A 447 7.49 13.98 3.17
N VAL A 448 8.80 13.83 2.96
CA VAL A 448 9.60 13.00 3.83
C VAL A 448 9.75 13.60 5.23
N LEU A 449 9.64 12.70 6.20
CA LEU A 449 9.76 13.01 7.64
C LEU A 449 11.08 13.67 7.90
N GLY A 450 11.08 14.86 8.48
CA GLY A 450 12.26 15.61 8.80
C GLY A 450 12.79 16.47 7.69
N LYS A 451 12.23 16.38 6.49
CA LYS A 451 12.61 17.10 5.28
CA LYS A 451 12.66 17.22 5.37
C LYS A 451 11.52 18.09 4.94
N ALA A 452 10.36 17.58 4.50
CA ALA A 452 9.20 18.38 4.26
C ALA A 452 8.43 18.71 5.53
N THR A 453 8.68 17.94 6.57
CA THR A 453 8.00 18.02 7.85
C THR A 453 9.07 17.98 8.97
N ASP A 454 8.64 18.23 10.18
CA ASP A 454 9.48 17.94 11.35
C ASP A 454 9.48 16.41 11.57
N ASP A 455 10.09 15.98 12.68
CA ASP A 455 10.26 14.55 12.90
C ASP A 455 8.99 13.84 13.36
N TYR A 456 7.86 14.53 13.41
CA TYR A 456 6.55 13.98 13.76
C TYR A 456 5.53 14.25 12.67
N GLY A 457 5.97 14.68 11.49
CA GLY A 457 5.03 14.93 10.38
C GLY A 457 4.34 16.25 10.40
N ARG A 458 4.82 17.21 11.25
CA ARG A 458 4.27 18.57 11.18
C ARG A 458 4.85 19.23 9.95
N VAL A 459 4.01 19.69 9.04
CA VAL A 459 4.46 20.24 7.80
C VAL A 459 5.26 21.54 8.03
N ALA A 460 6.44 21.63 7.48
CA ALA A 460 7.28 22.82 7.67
C ALA A 460 6.58 24.02 7.05
N GLY A 461 6.59 25.13 7.82
CA GLY A 461 6.02 26.39 7.39
C GLY A 461 4.66 26.65 7.98
N TYR A 462 4.05 25.64 8.60
CA TYR A 462 2.66 25.72 9.06
C TYR A 462 2.46 25.14 10.44
N LYS A 463 1.48 25.61 11.14
CA LYS A 463 1.06 25.09 12.44
C LYS A 463 -0.23 24.30 12.25
N ASN A 464 -0.38 23.21 12.99
CA ASN A 464 -1.58 22.41 12.98
C ASN A 464 -1.92 21.76 11.65
N LEU A 465 -0.85 21.52 10.88
CA LEU A 465 -0.93 20.88 9.56
C LEU A 465 0.00 19.67 9.58
N TYR A 466 -0.54 18.48 9.38
CA TYR A 466 0.19 17.26 9.63
C TYR A 466 0.06 16.32 8.43
N VAL A 467 1.14 15.59 8.16
CA VAL A 467 1.14 14.47 7.21
C VAL A 467 1.42 13.20 7.99
N THR A 468 0.69 12.11 7.63
CA THR A 468 0.62 10.96 8.52
C THR A 468 0.99 9.64 7.91
N ASP A 469 1.31 9.59 6.63
CA ASP A 469 1.17 8.36 5.84
C ASP A 469 2.45 8.01 5.11
N GLY A 470 2.34 7.14 4.08
CA GLY A 470 3.49 6.69 3.36
C GLY A 470 4.30 7.79 2.71
N SER A 471 3.75 9.00 2.53
CA SER A 471 4.53 10.10 1.99
C SER A 471 5.70 10.48 2.93
N LEU A 472 5.63 10.10 4.20
CA LEU A 472 6.67 10.46 5.17
C LEU A 472 7.92 9.62 5.02
N ILE A 473 7.80 8.40 4.46
CA ILE A 473 8.89 7.45 4.51
C ILE A 473 9.86 7.76 3.36
N PRO A 474 11.16 7.69 3.67
N PRO A 474 11.18 7.87 3.54
CA PRO A 474 12.20 8.02 2.70
CA PRO A 474 12.07 8.27 2.45
C PRO A 474 12.44 6.93 1.68
C PRO A 474 12.44 7.19 1.43
N GLY A 475 11.42 6.62 0.84
CA GLY A 475 11.58 5.80 -0.35
C GLY A 475 11.74 4.31 -0.16
N SER A 476 12.04 3.84 1.04
CA SER A 476 12.43 2.45 1.24
C SER A 476 12.31 2.07 2.71
N VAL A 477 11.75 0.89 2.97
CA VAL A 477 11.80 0.34 4.36
C VAL A 477 12.30 -1.08 4.37
N GLY A 478 12.56 -1.74 3.22
CA GLY A 478 13.17 -3.04 3.19
C GLY A 478 12.24 -4.21 3.42
N VAL A 479 10.96 -3.94 3.67
CA VAL A 479 9.92 -4.89 3.96
C VAL A 479 8.61 -4.32 3.45
N ASN A 480 7.55 -5.12 3.46
CA ASN A 480 6.23 -4.57 3.11
CA ASN A 480 6.19 -4.64 3.20
C ASN A 480 5.91 -3.47 4.13
N PRO A 481 5.41 -2.32 3.67
CA PRO A 481 5.46 -1.10 4.51
C PRO A 481 4.38 -0.79 5.49
N PHE A 482 3.20 -1.46 5.46
CA PHE A 482 2.11 -0.87 6.26
C PHE A 482 2.37 -0.92 7.76
N VAL A 483 3.09 -1.92 8.30
CA VAL A 483 3.34 -1.90 9.74
C VAL A 483 4.18 -0.66 10.12
N THR A 484 5.17 -0.33 9.32
CA THR A 484 5.96 0.87 9.58
C THR A 484 5.12 2.11 9.53
N ILE A 485 4.27 2.25 8.50
CA ILE A 485 3.40 3.41 8.42
C ILE A 485 2.56 3.52 9.64
N THR A 486 1.97 2.39 10.06
CA THR A 486 1.08 2.37 11.22
C THR A 486 1.84 2.78 12.50
N ALA A 487 2.99 2.16 12.74
CA ALA A 487 3.76 2.44 13.96
C ALA A 487 4.23 3.87 14.01
N LEU A 488 4.72 4.38 12.87
CA LEU A 488 5.14 5.78 12.82
C LEU A 488 3.95 6.69 13.10
N ALA A 489 2.79 6.35 12.55
CA ALA A 489 1.61 7.18 12.78
C ALA A 489 1.21 7.15 14.24
N GLU A 490 1.35 6.03 14.92
CA GLU A 490 1.06 5.96 16.35
C GLU A 490 1.99 6.91 17.09
N ARG A 491 3.26 6.85 16.78
CA ARG A 491 4.24 7.76 17.42
C ARG A 491 3.89 9.22 17.18
N ASN A 492 3.57 9.54 15.95
CA ASN A 492 3.39 10.93 15.55
C ASN A 492 2.17 11.50 16.20
N VAL A 493 1.02 10.81 16.09
CA VAL A 493 -0.22 11.40 16.59
C VAL A 493 -0.17 11.51 18.12
N GLU A 494 0.49 10.55 18.80
CA GLU A 494 0.55 10.67 20.25
C GLU A 494 1.27 11.95 20.64
N ARG A 495 2.37 12.23 19.98
CA ARG A 495 3.16 13.45 20.30
C ARG A 495 2.39 14.69 19.92
N ILE A 496 1.76 14.70 18.74
CA ILE A 496 1.04 15.87 18.28
C ILE A 496 -0.09 16.17 19.23
N ILE A 497 -0.86 15.17 19.65
CA ILE A 497 -1.94 15.42 20.59
C ILE A 497 -1.41 15.98 21.88
N LYS A 498 -0.34 15.42 22.42
CA LYS A 498 0.23 15.92 23.68
C LYS A 498 0.73 17.35 23.54
N GLN A 499 1.45 17.69 22.48
CA GLN A 499 2.13 19.00 22.39
C GLN A 499 1.26 20.10 21.75
N ASP A 500 0.34 19.72 20.84
CA ASP A 500 -0.32 20.66 19.99
C ASP A 500 -1.82 20.82 20.18
N VAL A 501 -2.48 19.79 20.64
CA VAL A 501 -3.93 19.72 20.68
C VAL A 501 -4.29 19.85 22.19
N THR A 502 -3.59 20.67 22.92
S SO4 B . 14.88 -30.60 -7.13
O1 SO4 B . 15.25 -31.97 -6.76
O2 SO4 B . 15.29 -30.38 -8.58
O3 SO4 B . 15.67 -29.59 -6.36
O4 SO4 B . 13.48 -30.28 -6.82
PA FAE C . -3.40 4.42 1.49
O1A FAE C . -3.61 3.14 2.21
O2A FAE C . -3.07 4.37 0.04
O5B FAE C . -4.70 5.30 1.76
C5B FAE C . -4.93 6.60 1.19
C4B FAE C . -6.41 6.81 1.19
O4B FAE C . -6.65 8.22 0.88
C3B FAE C . -7.19 6.00 0.11
O3B FAE C . -8.35 5.37 0.64
C2B FAE C . -7.54 7.06 -0.93
O2B FAE C . -8.68 6.80 -1.75
C1B FAE C . -7.68 8.33 -0.11
N9A FAE C . -7.48 9.57 -0.81
C8A FAE C . -6.43 9.90 -1.61
N7A FAE C . -6.45 11.14 -2.01
C5A FAE C . -7.59 11.68 -1.41
C6A FAE C . -8.16 12.97 -1.48
N6A FAE C . -7.60 13.99 -2.16
N1A FAE C . -9.32 13.15 -0.80
C2A FAE C . -9.85 12.13 -0.17
N3A FAE C . -9.43 10.86 -0.03
C4A FAE C . -8.25 10.73 -0.69
O3P FAE C . -2.22 5.27 2.19
N1 FAE C . 1.83 -3.33 2.18
C2 FAE C . 2.18 -4.20 3.11
O2 FAE C . 2.80 -3.87 4.18
N3 FAE C . 1.77 -5.53 3.05
C4 FAE C . 1.17 -6.08 1.93
O4 FAE C . 0.86 -7.28 1.91
C4X FAE C . 1.00 -5.19 0.86
N5 FAE C . 0.50 -5.66 -0.36
C5X FAE C . 0.09 -4.71 -1.30
C6 FAE C . -0.49 -5.14 -2.50
C7 FAE C . -1.04 -4.27 -3.39
C7M FAE C . -1.68 -4.80 -4.66
C8 FAE C . -1.07 -2.92 -3.09
C8M FAE C . -1.72 -1.90 -4.01
C9 FAE C . -0.47 -2.48 -1.87
C9A FAE C . 0.15 -3.34 -1.03
N10 FAE C . 0.82 -2.90 0.15
C10 FAE C . 1.24 -3.82 1.09
C1' FAE C . 1.12 -1.49 0.38
C2' FAE C . 0.16 -0.84 1.41
O2' FAE C . -1.18 -1.18 1.08
C3' FAE C . 0.39 0.66 1.40
O3' FAE C . 1.77 0.86 1.73
C4' FAE C . -0.49 1.38 2.45
O4' FAE C . -1.86 1.12 2.17
C5' FAE C . -0.21 2.87 2.40
O5' FAE C . -0.96 3.50 3.47
P FAE C . -1.22 5.06 3.44
O1P FAE C . -1.91 5.40 4.70
O2P FAE C . 0.01 5.80 3.05
H51A FAE C . -4.57 6.65 0.27
H52A FAE C . -4.48 7.30 1.74
H4B FAE C . -6.78 6.59 2.10
H3B FAE C . -6.59 5.31 -0.29
HO3A FAE C . -8.70 4.90 0.04
H2B FAE C . -6.75 7.18 -1.53
HO2A FAE C . -9.32 6.58 -1.27
H1B FAE C . -8.57 8.34 0.34
H8A FAE C . -5.75 9.28 -1.85
H7A FAE C . -5.88 11.54 -2.54
H61A FAE C . -7.99 14.78 -2.16
H62A FAE C . -6.85 13.86 -2.58
H2A FAE C . -10.69 12.31 0.26
HN3 FAE C . 1.89 -6.04 3.76
H6 FAE C . -0.49 -6.06 -2.70
HM71 FAE C . -1.62 -5.77 -4.68
HM72 FAE C . -1.20 -4.42 -5.44
HM73 FAE C . -2.62 -4.52 -4.70
HM81 FAE C . -1.13 -1.73 -4.78
HM82 FAE C . -1.86 -1.07 -3.52
HM83 FAE C . -2.58 -2.24 -4.32
H9 FAE C . -0.50 -1.55 -1.65
H1'1 FAE C . 1.04 -1.00 -0.48
H1'2 FAE C . 2.05 -1.39 0.71
H2' FAE C . 0.37 -1.20 2.32
HO2' FAE C . -1.31 -1.08 0.26
H3' FAE C . 0.20 1.03 0.50
HO3' FAE C . 2.00 1.64 1.50
H4' FAE C . -0.27 1.04 3.36
HO4' FAE C . -2.20 1.78 1.79
H5'1 FAE C . 0.75 3.04 2.51
H5'2 FAE C . -0.49 3.24 1.53
O1 OXY D . 6.70 -10.16 2.44
O2 OXY D . 6.76 -10.15 1.21
#